data_4NIN
# 
_entry.id   4NIN 
# 
_audit_conform.dict_name       mmcif_pdbx.dic 
_audit_conform.dict_version    5.387 
_audit_conform.dict_location   http://mmcif.pdb.org/dictionaries/ascii/mmcif_pdbx.dic 
# 
loop_
_database_2.database_id 
_database_2.database_code 
_database_2.pdbx_database_accession 
_database_2.pdbx_DOI 
PDB   4NIN         pdb_00004nin 10.2210/pdb4nin/pdb 
RCSB  RCSB083250   ?            ?                   
WWPDB D_1000083250 ?            ?                   
# 
loop_
_pdbx_audit_revision_history.ordinal 
_pdbx_audit_revision_history.data_content_type 
_pdbx_audit_revision_history.major_revision 
_pdbx_audit_revision_history.minor_revision 
_pdbx_audit_revision_history.revision_date 
1 'Structure model' 1 0 2013-12-04 
2 'Structure model' 1 1 2014-01-22 
3 'Structure model' 1 2 2017-11-22 
4 'Structure model' 1 3 2024-02-28 
# 
_pdbx_audit_revision_details.ordinal             1 
_pdbx_audit_revision_details.revision_ordinal    1 
_pdbx_audit_revision_details.data_content_type   'Structure model' 
_pdbx_audit_revision_details.provider            repository 
_pdbx_audit_revision_details.type                'Initial release' 
_pdbx_audit_revision_details.description         ? 
_pdbx_audit_revision_details.details             ? 
# 
loop_
_pdbx_audit_revision_group.ordinal 
_pdbx_audit_revision_group.revision_ordinal 
_pdbx_audit_revision_group.data_content_type 
_pdbx_audit_revision_group.group 
1 2 'Structure model' 'Database references'    
2 3 'Structure model' 'Refinement description' 
3 4 'Structure model' 'Data collection'        
4 4 'Structure model' 'Database references'    
5 4 'Structure model' 'Derived calculations'   
# 
loop_
_pdbx_audit_revision_category.ordinal 
_pdbx_audit_revision_category.revision_ordinal 
_pdbx_audit_revision_category.data_content_type 
_pdbx_audit_revision_category.category 
1 3 'Structure model' software               
2 4 'Structure model' chem_comp_atom         
3 4 'Structure model' chem_comp_bond         
4 4 'Structure model' database_2             
5 4 'Structure model' pdbx_struct_conn_angle 
6 4 'Structure model' struct_conn            
7 4 'Structure model' struct_site            
# 
loop_
_pdbx_audit_revision_item.ordinal 
_pdbx_audit_revision_item.revision_ordinal 
_pdbx_audit_revision_item.data_content_type 
_pdbx_audit_revision_item.item 
1  4 'Structure model' '_database_2.pdbx_DOI'                        
2  4 'Structure model' '_database_2.pdbx_database_accession'         
3  4 'Structure model' '_pdbx_struct_conn_angle.ptnr1_auth_comp_id'  
4  4 'Structure model' '_pdbx_struct_conn_angle.ptnr1_auth_seq_id'   
5  4 'Structure model' '_pdbx_struct_conn_angle.ptnr1_label_asym_id' 
6  4 'Structure model' '_pdbx_struct_conn_angle.ptnr1_label_atom_id' 
7  4 'Structure model' '_pdbx_struct_conn_angle.ptnr1_label_comp_id' 
8  4 'Structure model' '_pdbx_struct_conn_angle.ptnr1_label_seq_id'  
9  4 'Structure model' '_pdbx_struct_conn_angle.ptnr3_auth_comp_id'  
10 4 'Structure model' '_pdbx_struct_conn_angle.ptnr3_auth_seq_id'   
11 4 'Structure model' '_pdbx_struct_conn_angle.ptnr3_label_asym_id' 
12 4 'Structure model' '_pdbx_struct_conn_angle.ptnr3_label_atom_id' 
13 4 'Structure model' '_pdbx_struct_conn_angle.ptnr3_label_comp_id' 
14 4 'Structure model' '_pdbx_struct_conn_angle.ptnr3_label_seq_id'  
15 4 'Structure model' '_pdbx_struct_conn_angle.value'               
16 4 'Structure model' '_struct_conn.pdbx_dist_value'                
17 4 'Structure model' '_struct_conn.ptnr1_auth_comp_id'             
18 4 'Structure model' '_struct_conn.ptnr1_auth_seq_id'              
19 4 'Structure model' '_struct_conn.ptnr1_label_asym_id'            
20 4 'Structure model' '_struct_conn.ptnr1_label_atom_id'            
21 4 'Structure model' '_struct_conn.ptnr1_label_comp_id'            
22 4 'Structure model' '_struct_conn.ptnr1_label_seq_id'             
23 4 'Structure model' '_struct_conn.ptnr2_auth_comp_id'             
24 4 'Structure model' '_struct_conn.ptnr2_auth_seq_id'              
25 4 'Structure model' '_struct_conn.ptnr2_label_asym_id'            
26 4 'Structure model' '_struct_conn.ptnr2_label_atom_id'            
27 4 'Structure model' '_struct_conn.ptnr2_label_comp_id'            
28 4 'Structure model' '_struct_site.pdbx_auth_asym_id'              
29 4 'Structure model' '_struct_site.pdbx_auth_comp_id'              
30 4 'Structure model' '_struct_site.pdbx_auth_seq_id'               
# 
_pdbx_database_status.entry_id                        4NIN 
_pdbx_database_status.status_code                     REL 
_pdbx_database_status.deposit_site                    RCSB 
_pdbx_database_status.process_site                    RCSB 
_pdbx_database_status.recvd_initial_deposition_date   2013-11-06 
_pdbx_database_status.status_code_sf                  REL 
_pdbx_database_status.status_code_mr                  ? 
_pdbx_database_status.SG_entry                        ? 
_pdbx_database_status.status_code_cs                  ? 
_pdbx_database_status.methods_development_category    ? 
_pdbx_database_status.pdb_format_compatible           Y 
_pdbx_database_status.status_code_nmr_data            ? 
# 
loop_
_pdbx_database_related.db_name 
_pdbx_database_related.db_id 
_pdbx_database_related.details 
_pdbx_database_related.content_type 
PDB 4NIO . unspecified 
PDB 4NIP . unspecified 
# 
loop_
_audit_author.name 
_audit_author.pdbx_ordinal 
'Sievers, S.A.' 1 
'Sawaya, M.R.'  2 
'Eisenberg, D.' 3 
# 
_citation.id                        primary 
_citation.title                     
'Aggregation-triggering segments of SOD1 fibril formation support a common pathway for familial and sporadic ALS.' 
_citation.journal_abbrev            Proc.Natl.Acad.Sci.USA 
_citation.journal_volume            111 
_citation.page_first                197 
_citation.page_last                 201 
_citation.year                      2014 
_citation.journal_id_ASTM           PNASA6 
_citation.country                   US 
_citation.journal_id_ISSN           0027-8424 
_citation.journal_id_CSD            0040 
_citation.book_publisher            ? 
_citation.pdbx_database_id_PubMed   24344300 
_citation.pdbx_database_id_DOI      10.1073/pnas.1320786110 
# 
loop_
_citation_author.citation_id 
_citation_author.name 
_citation_author.ordinal 
_citation_author.identifier_ORCID 
primary 'Ivanova, M.I.'   1 ? 
primary 'Sievers, S.A.'   2 ? 
primary 'Guenther, E.L.'  3 ? 
primary 'Johnson, L.M.'   4 ? 
primary 'Winkler, D.D.'   5 ? 
primary 'Galaleldeen, A.' 6 ? 
primary 'Sawaya, M.R.'    7 ? 
primary 'Hart, P.J.'      8 ? 
primary 'Eisenberg, D.S.' 9 ? 
# 
loop_
_entity.id 
_entity.type 
_entity.src_method 
_entity.pdbx_description 
_entity.formula_weight 
_entity.pdbx_number_of_molecules 
_entity.pdbx_ec 
_entity.pdbx_mutation 
_entity.pdbx_fragment 
_entity.details 
1 polymer     syn 'DSVISLS segment from Superoxide dismutase [Cu-Zn]' 719.783 1 ? ? 'UNP residues 102-108' ? 
2 non-polymer syn 'ZINC ION'                                          65.409  1 ? ? ?                      ? 
3 water       nat water                                               18.015  4 ? ? ?                      ? 
# 
_entity_name_com.entity_id   1 
_entity_name_com.name        'Superoxide dismutase 1, hSod1' 
# 
_entity_poly.entity_id                      1 
_entity_poly.type                           'polypeptide(L)' 
_entity_poly.nstd_linkage                   no 
_entity_poly.nstd_monomer                   no 
_entity_poly.pdbx_seq_one_letter_code       DSVISLS 
_entity_poly.pdbx_seq_one_letter_code_can   DSVISLS 
_entity_poly.pdbx_strand_id                 A 
_entity_poly.pdbx_target_identifier         ? 
# 
loop_
_pdbx_entity_nonpoly.entity_id 
_pdbx_entity_nonpoly.name 
_pdbx_entity_nonpoly.comp_id 
2 'ZINC ION' ZN  
3 water      HOH 
# 
loop_
_entity_poly_seq.entity_id 
_entity_poly_seq.num 
_entity_poly_seq.mon_id 
_entity_poly_seq.hetero 
1 1 ASP n 
1 2 SER n 
1 3 VAL n 
1 4 ILE n 
1 5 SER n 
1 6 LEU n 
1 7 SER n 
# 
_pdbx_entity_src_syn.entity_id              1 
_pdbx_entity_src_syn.pdbx_src_id            1 
_pdbx_entity_src_syn.pdbx_alt_source_flag   sample 
_pdbx_entity_src_syn.pdbx_beg_seq_num       ? 
_pdbx_entity_src_syn.pdbx_end_seq_num       ? 
_pdbx_entity_src_syn.organism_scientific    'Homo Sapiens' 
_pdbx_entity_src_syn.organism_common_name   human 
_pdbx_entity_src_syn.ncbi_taxonomy_id       9606 
_pdbx_entity_src_syn.details                ? 
# 
loop_
_chem_comp.id 
_chem_comp.type 
_chem_comp.mon_nstd_flag 
_chem_comp.name 
_chem_comp.pdbx_synonyms 
_chem_comp.formula 
_chem_comp.formula_weight 
ASP 'L-peptide linking' y 'ASPARTIC ACID' ? 'C4 H7 N O4'  133.103 
HOH non-polymer         . WATER           ? 'H2 O'        18.015  
ILE 'L-peptide linking' y ISOLEUCINE      ? 'C6 H13 N O2' 131.173 
LEU 'L-peptide linking' y LEUCINE         ? 'C6 H13 N O2' 131.173 
SER 'L-peptide linking' y SERINE          ? 'C3 H7 N O3'  105.093 
VAL 'L-peptide linking' y VALINE          ? 'C5 H11 N O2' 117.146 
ZN  non-polymer         . 'ZINC ION'      ? 'Zn 2'        65.409  
# 
loop_
_pdbx_poly_seq_scheme.asym_id 
_pdbx_poly_seq_scheme.entity_id 
_pdbx_poly_seq_scheme.seq_id 
_pdbx_poly_seq_scheme.mon_id 
_pdbx_poly_seq_scheme.ndb_seq_num 
_pdbx_poly_seq_scheme.pdb_seq_num 
_pdbx_poly_seq_scheme.auth_seq_num 
_pdbx_poly_seq_scheme.pdb_mon_id 
_pdbx_poly_seq_scheme.auth_mon_id 
_pdbx_poly_seq_scheme.pdb_strand_id 
_pdbx_poly_seq_scheme.pdb_ins_code 
_pdbx_poly_seq_scheme.hetero 
A 1 1 ASP 1 1 1 ASP ASP A . n 
A 1 2 SER 2 2 2 SER SER A . n 
A 1 3 VAL 3 3 3 VAL VAL A . n 
A 1 4 ILE 4 4 4 ILE ILE A . n 
A 1 5 SER 5 5 5 SER SER A . n 
A 1 6 LEU 6 6 6 LEU LEU A . n 
A 1 7 SER 7 7 7 SER SER A . n 
# 
loop_
_pdbx_nonpoly_scheme.asym_id 
_pdbx_nonpoly_scheme.entity_id 
_pdbx_nonpoly_scheme.mon_id 
_pdbx_nonpoly_scheme.ndb_seq_num 
_pdbx_nonpoly_scheme.pdb_seq_num 
_pdbx_nonpoly_scheme.auth_seq_num 
_pdbx_nonpoly_scheme.pdb_mon_id 
_pdbx_nonpoly_scheme.auth_mon_id 
_pdbx_nonpoly_scheme.pdb_strand_id 
_pdbx_nonpoly_scheme.pdb_ins_code 
B 2 ZN  1 101 1 ZN  ZN  A . 
C 3 HOH 1 201 1 HOH HOH A . 
C 3 HOH 2 202 2 HOH HOH A . 
C 3 HOH 3 203 3 HOH HOH A . 
C 3 HOH 4 204 4 HOH HOH A . 
# 
loop_
_software.pdbx_ordinal 
_software.name 
_software.version 
_software.date 
_software.type 
_software.contact_author 
_software.contact_author_email 
_software.classification 
_software.location 
_software.language 
_software.citation_id 
1 DENZO       .         ?                          program 'Zbyszek Otwinowski' hkl@hkl-xray.com            'data reduction'  
http://www.hkl-xray.com/                    ?   ? 
2 SCALEPACK   .         ?                          program 'Zbyszek Otwinowski' hkl@hkl-xray.com            'data scaling'    
http://www.hkl-xray.com/                    ?   ? 
3 PHASER      2.1.4     'Wed Jun 24 14:00:05 2009' program 'Randy J. Read'      cimr-phaser@lists.cam.ac.uk phasing           
http://www-structmed.cimr.cam.ac.uk/phaser/ ?   ? 
4 PHENIX      1.7.1_743 ?                          package 'Paul D. Adams'      PDAdams@lbl.gov             refinement        
http://www.phenix-online.org/               C++ ? 
5 PDB_EXTRACT 3.11      'April 22, 2011'           package PDB                  deposit@deposit.rcsb.org    'data extraction' 
http://sw-tools.pdb.org/apps/PDB_EXTRACT/   C++ ? 
# 
_cell.length_a           4.805 
_cell.length_b           45.337 
_cell.length_c           11.300 
_cell.angle_alpha        90.000 
_cell.angle_beta         100.520 
_cell.angle_gamma        90.000 
_cell.entry_id           4NIN 
_cell.pdbx_unique_axis   ? 
_cell.Z_PDB              2 
_cell.length_a_esd       ? 
_cell.length_b_esd       ? 
_cell.length_c_esd       ? 
_cell.angle_alpha_esd    ? 
_cell.angle_beta_esd     ? 
_cell.angle_gamma_esd    ? 
# 
_symmetry.space_group_name_H-M             'P 1 21 1' 
_symmetry.entry_id                         4NIN 
_symmetry.Int_Tables_number                4 
_symmetry.pdbx_full_space_group_name_H-M   ? 
_symmetry.cell_setting                     ? 
_symmetry.space_group_name_Hall            ? 
# 
_exptl.crystals_number   1 
_exptl.entry_id          4NIN 
_exptl.method            'X-RAY DIFFRACTION' 
# 
_exptl_crystal.id                    1 
_exptl_crystal.density_Matthews      1.68 
_exptl_crystal.density_meas          ? 
_exptl_crystal.density_percent_sol   26.84 
_exptl_crystal.description           ? 
_exptl_crystal.F_000                 ? 
_exptl_crystal.preparation           ? 
# 
_exptl_crystal_grow.crystal_id      1 
_exptl_crystal_grow.method          'VAPOR DIFFUSION, HANGING DROP' 
_exptl_crystal_grow.pH              6.0 
_exptl_crystal_grow.temp            298 
_exptl_crystal_grow.pdbx_details    
'0.1 M MES pH 6.0, 20% PEG 6000, and 5 mM ZnCl2, VAPOR DIFFUSION, HANGING DROP, temperature 298K' 
_exptl_crystal_grow.temp_details    ? 
_exptl_crystal_grow.pdbx_pH_range   ? 
# 
_diffrn.id                     1 
_diffrn.ambient_temp           100 
_diffrn.ambient_temp_details   ? 
_diffrn.crystal_id             1 
# 
_diffrn_detector.diffrn_id              1 
_diffrn_detector.detector               CCD 
_diffrn_detector.type                   'ADSC QUANTUM 315' 
_diffrn_detector.pdbx_collection_date   2011-07-22 
_diffrn_detector.details                mirrors 
# 
_diffrn_radiation.diffrn_id                        1 
_diffrn_radiation.pdbx_diffrn_protocol             'SINGLE WAVELENGTH' 
_diffrn_radiation.monochromator                    'cryogenically-cooled single crystal Si(220)' 
_diffrn_radiation.wavelength_id                    1 
_diffrn_radiation.pdbx_monochromatic_or_laue_m_l   M 
_diffrn_radiation.pdbx_scattering_type             x-ray 
# 
_diffrn_radiation_wavelength.id           1 
_diffrn_radiation_wavelength.wavelength   0.9792 
_diffrn_radiation_wavelength.wt           1.0 
# 
_diffrn_source.diffrn_id                   1 
_diffrn_source.source                      SYNCHROTRON 
_diffrn_source.type                        'APS BEAMLINE 24-ID-E' 
_diffrn_source.pdbx_wavelength_list        0.9792 
_diffrn_source.pdbx_wavelength             ? 
_diffrn_source.pdbx_synchrotron_site       APS 
_diffrn_source.pdbx_synchrotron_beamline   24-ID-E 
# 
_reflns.entry_id                     4NIN 
_reflns.d_resolution_high            1.400 
_reflns.d_resolution_low             100.000 
_reflns.number_obs                   717 
_reflns.pdbx_Rmerge_I_obs            0.186 
_reflns.pdbx_netI_over_sigmaI        24.100 
_reflns.pdbx_chi_squared             1.087 
_reflns.pdbx_redundancy              3.700 
_reflns.percent_possible_obs         73.600 
_reflns.B_iso_Wilson_estimate        11.410 
_reflns.observed_criterion_sigma_F   ? 
_reflns.observed_criterion_sigma_I   -3.0 
_reflns.number_all                   717 
_reflns.pdbx_Rsym_value              ? 
_reflns.R_free_details               ? 
_reflns.limit_h_max                  ? 
_reflns.limit_h_min                  ? 
_reflns.limit_k_max                  ? 
_reflns.limit_k_min                  ? 
_reflns.limit_l_max                  ? 
_reflns.limit_l_min                  ? 
_reflns.observed_criterion_F_max     ? 
_reflns.observed_criterion_F_min     ? 
_reflns.pdbx_scaling_rejects         ? 
_reflns.pdbx_ordinal                 1 
_reflns.pdbx_diffrn_id               1 
# 
loop_
_reflns_shell.d_res_high 
_reflns_shell.d_res_low 
_reflns_shell.number_measured_obs 
_reflns_shell.number_measured_all 
_reflns_shell.number_unique_obs 
_reflns_shell.Rmerge_I_obs 
_reflns_shell.meanI_over_sigI_obs 
_reflns_shell.pdbx_Rsym_value 
_reflns_shell.pdbx_chi_squared 
_reflns_shell.pdbx_redundancy 
_reflns_shell.percent_possible_obs 
_reflns_shell.number_unique_all 
_reflns_shell.percent_possible_all 
_reflns_shell.pdbx_ordinal 
_reflns_shell.pdbx_diffrn_id 
1.400 1.510   ? ? ? 0.166 ? ? 0.917 1.500 ? 57  28.400 1 1 
1.510 1.660   ? ? ? 0.274 ? ? 1.343 1.800 ? 121 59.300 2 1 
1.660 1.900   ? ? ? 0.277 ? ? 1.055 2.800 ? 155 88.100 3 1 
1.900 2.390   ? ? ? 0.265 ? ? 1.103 4.200 ? 193 96.000 4 1 
2.390 100.000 ? ? ? 0.169 ? ? 1.065 5.700 ? 191 99.500 5 1 
# 
_refine.entry_id                                 4NIN 
_refine.ls_d_res_high                            1.4020 
_refine.ls_d_res_low                             22.6690 
_refine.pdbx_ls_sigma_F                          1.660 
_refine.pdbx_data_cutoff_high_absF               ? 
_refine.pdbx_data_cutoff_low_absF                ? 
_refine.ls_percent_reflns_obs                    74.0500 
_refine.ls_number_reflns_obs                     705 
_refine.ls_number_reflns_all                     705 
_refine.pdbx_ls_cross_valid_method               ? 
_refine.pdbx_R_Free_selection_details            RANDOM 
_refine.details                                  ? 
_refine.ls_R_factor_all                          ? 
_refine.ls_R_factor_obs                          0.1911 
_refine.ls_R_factor_R_work                       0.1872 
_refine.ls_wR_factor_R_work                      ? 
_refine.ls_R_factor_R_free                       0.2281 
_refine.ls_wR_factor_R_free                      ? 
_refine.ls_percent_reflns_R_free                 9.2200 
_refine.ls_number_reflns_R_free                  65 
_refine.ls_R_factor_R_free_error                 ? 
_refine.B_iso_mean                               19.2775 
_refine.solvent_model_param_bsol                 58.7910 
_refine.solvent_model_param_ksol                 0.4350 
_refine.pdbx_isotropic_thermal_model             ? 
_refine.aniso_B[1][1]                            -4.9106 
_refine.aniso_B[2][2]                            -5.6507 
_refine.aniso_B[3][3]                            10.5613 
_refine.aniso_B[1][2]                            -0.0000 
_refine.aniso_B[1][3]                            -2.5850 
_refine.aniso_B[2][3]                            0.0000 
_refine.correlation_coeff_Fo_to_Fc               ? 
_refine.correlation_coeff_Fo_to_Fc_free          ? 
_refine.overall_SU_R_Cruickshank_DPI             ? 
_refine.overall_SU_R_free                        ? 
_refine.pdbx_overall_ESU_R                       ? 
_refine.pdbx_overall_ESU_R_Free                  ? 
_refine.overall_SU_ML                            0.0000 
_refine.overall_SU_B                             ? 
_refine.solvent_model_details                    'FLAT BULK SOLVENT MODEL' 
_refine.pdbx_solvent_vdw_probe_radii             1.1000 
_refine.pdbx_solvent_ion_probe_radii             ? 
_refine.pdbx_solvent_shrinkage_radii             0.8300 
_refine.ls_number_parameters                     ? 
_refine.ls_number_restraints                     ? 
_refine.pdbx_starting_model                      ? 
_refine.pdbx_method_to_determine_struct          'MOLECULAR REPLACEMENT' 
_refine.pdbx_stereochemistry_target_values       ML 
_refine.pdbx_stereochem_target_val_spec_case     ? 
_refine.overall_FOM_work_R_set                   0.7046 
_refine.B_iso_max                                28.390 
_refine.B_iso_min                                13.730 
_refine.pdbx_overall_phase_error                 34.1600 
_refine.occupancy_max                            1.000 
_refine.occupancy_min                            0.550 
_refine.pdbx_ls_sigma_I                          ? 
_refine.ls_redundancy_reflns_obs                 ? 
_refine.ls_R_factor_R_free_error_details         ? 
_refine.pdbx_data_cutoff_high_rms_absF           ? 
_refine.overall_FOM_free_R_set                   ? 
_refine.pdbx_diffrn_id                           1 
_refine.pdbx_refine_id                           'X-RAY DIFFRACTION' 
_refine.pdbx_TLS_residual_ADP_flag               ? 
_refine.pdbx_overall_SU_R_free_Cruickshank_DPI   ? 
_refine.pdbx_overall_SU_R_Blow_DPI               ? 
_refine.pdbx_overall_SU_R_free_Blow_DPI          ? 
# 
_refine_hist.pdbx_refine_id                   'X-RAY DIFFRACTION' 
_refine_hist.cycle_id                         LAST 
_refine_hist.pdbx_number_atoms_protein        50 
_refine_hist.pdbx_number_atoms_nucleic_acid   0 
_refine_hist.pdbx_number_atoms_ligand         1 
_refine_hist.number_atoms_solvent             4 
_refine_hist.number_atoms_total               55 
_refine_hist.d_res_high                       1.4020 
_refine_hist.d_res_low                        22.6690 
# 
loop_
_refine_ls_restr.type 
_refine_ls_restr.number 
_refine_ls_restr.dev_ideal 
_refine_ls_restr.dev_ideal_target 
_refine_ls_restr.weight 
_refine_ls_restr.pdbx_restraint_function 
_refine_ls_restr.pdbx_refine_id 
f_bond_d           49 0.006  ? ? ? 'X-RAY DIFFRACTION' 
f_angle_d          66 0.923  ? ? ? 'X-RAY DIFFRACTION' 
f_chiral_restr     10 0.061  ? ? ? 'X-RAY DIFFRACTION' 
f_plane_restr      8  0.002  ? ? ? 'X-RAY DIFFRACTION' 
f_dihedral_angle_d 17 10.205 ? ? ? 'X-RAY DIFFRACTION' 
# 
_refine_ls_shell.d_res_high                       1.4023 
_refine_ls_shell.d_res_low                        22.6715 
_refine_ls_shell.pdbx_total_number_of_bins_used   1 
_refine_ls_shell.percent_reflns_obs               74.0000 
_refine_ls_shell.number_reflns_R_work             640 
_refine_ls_shell.R_factor_all                     ? 
_refine_ls_shell.R_factor_R_work                  0.1872 
_refine_ls_shell.R_factor_R_free                  0.2281 
_refine_ls_shell.percent_reflns_R_free            ? 
_refine_ls_shell.number_reflns_R_free             65 
_refine_ls_shell.R_factor_R_free_error            ? 
_refine_ls_shell.number_reflns_all                705 
_refine_ls_shell.number_reflns_obs                ? 
_refine_ls_shell.redundancy_reflns_obs            ? 
_refine_ls_shell.pdbx_refine_id                   'X-RAY DIFFRACTION' 
# 
_struct.entry_id                  4NIN 
_struct.title                     'DSVISLS segment 101-107 from Human Superoxide Dismutase' 
_struct.pdbx_model_details        ? 
_struct.pdbx_CASP_flag            ? 
_struct.pdbx_model_type_details   ? 
# 
_struct_keywords.entry_id        4NIN 
_struct_keywords.text            'steric zipper, cross-beta spine, amyloid fiber, PROTEIN FIBRIL' 
_struct_keywords.pdbx_keywords   'PROTEIN FIBRIL' 
# 
loop_
_struct_asym.id 
_struct_asym.pdbx_blank_PDB_chainid_flag 
_struct_asym.pdbx_modified 
_struct_asym.entity_id 
_struct_asym.details 
A N N 1 ? 
B N N 2 ? 
C N N 3 ? 
# 
_struct_ref.id                         1 
_struct_ref.db_name                    UNP 
_struct_ref.db_code                    SODC_HUMAN 
_struct_ref.pdbx_db_accession          P00441 
_struct_ref.entity_id                  1 
_struct_ref.pdbx_seq_one_letter_code   DSVISLS 
_struct_ref.pdbx_align_begin           102 
_struct_ref.pdbx_db_isoform            ? 
# 
_struct_ref_seq.align_id                      1 
_struct_ref_seq.ref_id                        1 
_struct_ref_seq.pdbx_PDB_id_code              4NIN 
_struct_ref_seq.pdbx_strand_id                A 
_struct_ref_seq.seq_align_beg                 1 
_struct_ref_seq.pdbx_seq_align_beg_ins_code   ? 
_struct_ref_seq.seq_align_end                 7 
_struct_ref_seq.pdbx_seq_align_end_ins_code   ? 
_struct_ref_seq.pdbx_db_accession             P00441 
_struct_ref_seq.db_align_beg                  102 
_struct_ref_seq.pdbx_db_align_beg_ins_code    ? 
_struct_ref_seq.db_align_end                  108 
_struct_ref_seq.pdbx_db_align_end_ins_code    ? 
_struct_ref_seq.pdbx_auth_seq_align_beg       1 
_struct_ref_seq.pdbx_auth_seq_align_end       7 
# 
_pdbx_struct_assembly.id                   1 
_pdbx_struct_assembly.details              author_defined_assembly 
_pdbx_struct_assembly.method_details       ? 
_pdbx_struct_assembly.oligomeric_details   decameric 
_pdbx_struct_assembly.oligomeric_count     10 
# 
_pdbx_struct_assembly_gen.assembly_id       1 
_pdbx_struct_assembly_gen.oper_expression   1,2,3,4,5,6,7,8,9,10 
_pdbx_struct_assembly_gen.asym_id_list      A,B,C 
# 
loop_
_pdbx_struct_oper_list.id 
_pdbx_struct_oper_list.type 
_pdbx_struct_oper_list.name 
_pdbx_struct_oper_list.symmetry_operation 
_pdbx_struct_oper_list.matrix[1][1] 
_pdbx_struct_oper_list.matrix[1][2] 
_pdbx_struct_oper_list.matrix[1][3] 
_pdbx_struct_oper_list.vector[1] 
_pdbx_struct_oper_list.matrix[2][1] 
_pdbx_struct_oper_list.matrix[2][2] 
_pdbx_struct_oper_list.matrix[2][3] 
_pdbx_struct_oper_list.vector[2] 
_pdbx_struct_oper_list.matrix[3][1] 
_pdbx_struct_oper_list.matrix[3][2] 
_pdbx_struct_oper_list.matrix[3][3] 
_pdbx_struct_oper_list.vector[3] 
1  'identity operation'         1_555 x,y,z     1.0000000000 0.0000000000 0.0000000000 0.0000000000   0.0000000000 1.0000000000 0.0000000000 0.0000000000   0.0000000000 0.0000000000 1.0000000000 0.0000000000  
2  'crystal symmetry operation' 1_655 x+1,y,z   1.0000000000 0.0000000000 0.0000000000 0.7372164796   0.0000000000 1.0000000000 0.0000000000 -4.5313732430  0.0000000000 0.0000000000 1.0000000000 -1.4181655033 
3  'crystal symmetry operation' 1_755 x+2,y,z   1.0000000000 0.0000000000 0.0000000000 1.4744329593   0.0000000000 1.0000000000 0.0000000000 -9.0627464860  0.0000000000 0.0000000000 1.0000000000 -2.8363310066 
4  'crystal symmetry operation' 1_355 x-2,y,z   1.0000000000 0.0000000000 0.0000000000 -1.4744329593  0.0000000000 1.0000000000 0.0000000000 9.0627464860   0.0000000000 0.0000000000 1.0000000000 2.8363310066  
5  'crystal symmetry operation' 1_455 x-1,y,z   1.0000000000 0.0000000000 0.0000000000 -0.7372164796  0.0000000000 1.0000000000 0.0000000000 4.5313732430   0.0000000000 0.0000000000 1.0000000000 1.4181655033  
6  'crystal symmetry operation' 1_554 x,y,z-1   1.0000000000 0.0000000000 0.0000000000 -10.2310124745 0.0000000000 1.0000000000 0.0000000000 -2.5879432206  0.0000000000 0.0000000000 1.0000000000 -4.0396699907 
7  'crystal symmetry operation' 1_654 x+1,y,z-1 1.0000000000 0.0000000000 0.0000000000 -9.4937959948  0.0000000000 1.0000000000 0.0000000000 -7.1193164636  0.0000000000 0.0000000000 1.0000000000 -5.4578354940 
8  'crystal symmetry operation' 1_754 x+2,y,z-1 1.0000000000 0.0000000000 0.0000000000 -8.7565795152  0.0000000000 1.0000000000 0.0000000000 -11.6506897066 0.0000000000 0.0000000000 1.0000000000 -6.8760009973 
9  'crystal symmetry operation' 1_354 x-2,y,z-1 1.0000000000 0.0000000000 0.0000000000 -11.7054454337 0.0000000000 1.0000000000 0.0000000000 6.4748032654   0.0000000000 0.0000000000 1.0000000000 -1.2033389841 
10 'crystal symmetry operation' 1_454 x-1,y,z-1 1.0000000000 0.0000000000 0.0000000000 -10.9682289541 0.0000000000 1.0000000000 0.0000000000 1.9434300224   0.0000000000 0.0000000000 1.0000000000 -2.6215044874 
# 
_struct_biol.id        1 
_struct_biol.details   
;biological unit is a pair of beta-sheets formed by the symmetry operators X,Y,Z and X,Y,Z-1 with positive and negative unit cell translations along the x axis. For example one sheet is composed of symmetry operators X,Y,Z; X+1,Y,Z;  X-1,Y,Z;  X+2,Y,Z;  X-2,Y,Z: the opposing sheet is composed of symmetry operators X,Y,Z-1; X+1,Y,Z-1; X-1,Y,Z-1; X+2,Y,Z-1; X-2,Y,Z-1, etc.
;
# 
loop_
_struct_conn.id 
_struct_conn.conn_type_id 
_struct_conn.pdbx_leaving_atom_flag 
_struct_conn.pdbx_PDB_id 
_struct_conn.ptnr1_label_asym_id 
_struct_conn.ptnr1_label_comp_id 
_struct_conn.ptnr1_label_seq_id 
_struct_conn.ptnr1_label_atom_id 
_struct_conn.pdbx_ptnr1_label_alt_id 
_struct_conn.pdbx_ptnr1_PDB_ins_code 
_struct_conn.pdbx_ptnr1_standard_comp_id 
_struct_conn.ptnr1_symmetry 
_struct_conn.ptnr2_label_asym_id 
_struct_conn.ptnr2_label_comp_id 
_struct_conn.ptnr2_label_seq_id 
_struct_conn.ptnr2_label_atom_id 
_struct_conn.pdbx_ptnr2_label_alt_id 
_struct_conn.pdbx_ptnr2_PDB_ins_code 
_struct_conn.ptnr1_auth_asym_id 
_struct_conn.ptnr1_auth_comp_id 
_struct_conn.ptnr1_auth_seq_id 
_struct_conn.ptnr2_auth_asym_id 
_struct_conn.ptnr2_auth_comp_id 
_struct_conn.ptnr2_auth_seq_id 
_struct_conn.ptnr2_symmetry 
_struct_conn.pdbx_ptnr3_label_atom_id 
_struct_conn.pdbx_ptnr3_label_seq_id 
_struct_conn.pdbx_ptnr3_label_comp_id 
_struct_conn.pdbx_ptnr3_label_asym_id 
_struct_conn.pdbx_ptnr3_label_alt_id 
_struct_conn.pdbx_ptnr3_PDB_ins_code 
_struct_conn.details 
_struct_conn.pdbx_dist_value 
_struct_conn.pdbx_value_order 
_struct_conn.pdbx_role 
metalc1 metalc ? ? A ASP 1 OD1 ? ? ? 1_555 B ZN  . ZN ? ? A ASP 1   A ZN  101 1_555 ? ? ? ? ? ? ? 2.049 ? ? 
metalc2 metalc ? ? A ASP 1 N   ? ? ? 1_555 B ZN  . ZN ? ? A ASP 1   A ZN  101 1_555 ? ? ? ? ? ? ? 2.245 ? ? 
metalc3 metalc ? ? B ZN  . ZN  ? ? ? 1_555 C HOH . O  ? ? A ZN  101 A HOH 201 1_555 ? ? ? ? ? ? ? 2.166 ? ? 
metalc4 metalc ? ? B ZN  . ZN  ? ? ? 1_555 C HOH . O  ? ? A ZN  101 A HOH 202 1_555 ? ? ? ? ? ? ? 2.064 ? ? 
metalc5 metalc ? ? B ZN  . ZN  ? ? ? 1_555 C HOH . O  ? ? A ZN  101 A HOH 203 1_555 ? ? ? ? ? ? ? 2.220 ? ? 
# 
_struct_conn_type.id          metalc 
_struct_conn_type.criteria    ? 
_struct_conn_type.reference   ? 
# 
loop_
_pdbx_struct_conn_angle.id 
_pdbx_struct_conn_angle.ptnr1_label_atom_id 
_pdbx_struct_conn_angle.ptnr1_label_alt_id 
_pdbx_struct_conn_angle.ptnr1_label_asym_id 
_pdbx_struct_conn_angle.ptnr1_label_comp_id 
_pdbx_struct_conn_angle.ptnr1_label_seq_id 
_pdbx_struct_conn_angle.ptnr1_auth_atom_id 
_pdbx_struct_conn_angle.ptnr1_auth_asym_id 
_pdbx_struct_conn_angle.ptnr1_auth_comp_id 
_pdbx_struct_conn_angle.ptnr1_auth_seq_id 
_pdbx_struct_conn_angle.ptnr1_PDB_ins_code 
_pdbx_struct_conn_angle.ptnr1_symmetry 
_pdbx_struct_conn_angle.ptnr2_label_atom_id 
_pdbx_struct_conn_angle.ptnr2_label_alt_id 
_pdbx_struct_conn_angle.ptnr2_label_asym_id 
_pdbx_struct_conn_angle.ptnr2_label_comp_id 
_pdbx_struct_conn_angle.ptnr2_label_seq_id 
_pdbx_struct_conn_angle.ptnr2_auth_atom_id 
_pdbx_struct_conn_angle.ptnr2_auth_asym_id 
_pdbx_struct_conn_angle.ptnr2_auth_comp_id 
_pdbx_struct_conn_angle.ptnr2_auth_seq_id 
_pdbx_struct_conn_angle.ptnr2_PDB_ins_code 
_pdbx_struct_conn_angle.ptnr2_symmetry 
_pdbx_struct_conn_angle.ptnr3_label_atom_id 
_pdbx_struct_conn_angle.ptnr3_label_alt_id 
_pdbx_struct_conn_angle.ptnr3_label_asym_id 
_pdbx_struct_conn_angle.ptnr3_label_comp_id 
_pdbx_struct_conn_angle.ptnr3_label_seq_id 
_pdbx_struct_conn_angle.ptnr3_auth_atom_id 
_pdbx_struct_conn_angle.ptnr3_auth_asym_id 
_pdbx_struct_conn_angle.ptnr3_auth_comp_id 
_pdbx_struct_conn_angle.ptnr3_auth_seq_id 
_pdbx_struct_conn_angle.ptnr3_PDB_ins_code 
_pdbx_struct_conn_angle.ptnr3_symmetry 
_pdbx_struct_conn_angle.value 
_pdbx_struct_conn_angle.value_esd 
1  OD1 ? A ASP 1 ? A ASP 1   ? 1_555 ZN ? B ZN . ? A ZN 101 ? 1_555 N ? A ASP 1 ? A ASP 1   ? 1_555 89.0  ? 
2  OD1 ? A ASP 1 ? A ASP 1   ? 1_555 ZN ? B ZN . ? A ZN 101 ? 1_555 O ? C HOH . ? A HOH 201 ? 1_555 85.9  ? 
3  N   ? A ASP 1 ? A ASP 1   ? 1_555 ZN ? B ZN . ? A ZN 101 ? 1_555 O ? C HOH . ? A HOH 201 ? 1_555 163.4 ? 
4  OD1 ? A ASP 1 ? A ASP 1   ? 1_555 ZN ? B ZN . ? A ZN 101 ? 1_555 O ? C HOH . ? A HOH 202 ? 1_555 80.3  ? 
5  N   ? A ASP 1 ? A ASP 1   ? 1_555 ZN ? B ZN . ? A ZN 101 ? 1_555 O ? C HOH . ? A HOH 202 ? 1_555 76.7  ? 
6  O   ? C HOH . ? A HOH 201 ? 1_555 ZN ? B ZN . ? A ZN 101 ? 1_555 O ? C HOH . ? A HOH 202 ? 1_555 86.9  ? 
7  OD1 ? A ASP 1 ? A ASP 1   ? 1_555 ZN ? B ZN . ? A ZN 101 ? 1_555 O ? C HOH . ? A HOH 203 ? 1_555 103.2 ? 
8  N   ? A ASP 1 ? A ASP 1   ? 1_555 ZN ? B ZN . ? A ZN 101 ? 1_555 O ? C HOH . ? A HOH 203 ? 1_555 102.6 ? 
9  O   ? C HOH . ? A HOH 201 ? 1_555 ZN ? B ZN . ? A ZN 101 ? 1_555 O ? C HOH . ? A HOH 203 ? 1_555 93.9  ? 
10 O   ? C HOH . ? A HOH 202 ? 1_555 ZN ? B ZN . ? A ZN 101 ? 1_555 O ? C HOH . ? A HOH 203 ? 1_555 176.5 ? 
# 
_struct_site.id                   AC1 
_struct_site.pdbx_evidence_code   Software 
_struct_site.pdbx_auth_asym_id    A 
_struct_site.pdbx_auth_comp_id    ZN 
_struct_site.pdbx_auth_seq_id     101 
_struct_site.pdbx_auth_ins_code   ? 
_struct_site.pdbx_num_residues    4 
_struct_site.details              'BINDING SITE FOR RESIDUE ZN A 101' 
# 
loop_
_struct_site_gen.id 
_struct_site_gen.site_id 
_struct_site_gen.pdbx_num_res 
_struct_site_gen.label_comp_id 
_struct_site_gen.label_asym_id 
_struct_site_gen.label_seq_id 
_struct_site_gen.pdbx_auth_ins_code 
_struct_site_gen.auth_comp_id 
_struct_site_gen.auth_asym_id 
_struct_site_gen.auth_seq_id 
_struct_site_gen.label_atom_id 
_struct_site_gen.label_alt_id 
_struct_site_gen.symmetry 
_struct_site_gen.details 
1 AC1 4 ASP A 1 ? ASP A 1   . ? 1_555 ? 
2 AC1 4 HOH C . ? HOH A 201 . ? 1_555 ? 
3 AC1 4 HOH C . ? HOH A 202 . ? 1_555 ? 
4 AC1 4 HOH C . ? HOH A 203 . ? 1_555 ? 
# 
_pdbx_phasing_MR.entry_id                     4NIN 
_pdbx_phasing_MR.method_rotation              ? 
_pdbx_phasing_MR.method_translation           ? 
_pdbx_phasing_MR.model_details                'Phaser MODE: MR_AUTO' 
_pdbx_phasing_MR.R_factor                     ? 
_pdbx_phasing_MR.R_rigid_body                 ? 
_pdbx_phasing_MR.correlation_coeff_Fo_to_Fc   ? 
_pdbx_phasing_MR.correlation_coeff_Io_to_Ic   ? 
_pdbx_phasing_MR.d_res_high_rotation          1.610 
_pdbx_phasing_MR.d_res_low_rotation           22.760 
_pdbx_phasing_MR.d_res_high_translation       1.610 
_pdbx_phasing_MR.d_res_low_translation        22.760 
_pdbx_phasing_MR.packing                      ? 
_pdbx_phasing_MR.reflns_percent_rotation      ? 
_pdbx_phasing_MR.reflns_percent_translation   ? 
_pdbx_phasing_MR.sigma_F_rotation             ? 
_pdbx_phasing_MR.sigma_F_translation          ? 
_pdbx_phasing_MR.sigma_I_rotation             ? 
_pdbx_phasing_MR.sigma_I_translation          ? 
# 
_phasing.method   MR 
# 
loop_
_chem_comp_atom.comp_id 
_chem_comp_atom.atom_id 
_chem_comp_atom.type_symbol 
_chem_comp_atom.pdbx_aromatic_flag 
_chem_comp_atom.pdbx_stereo_config 
_chem_comp_atom.pdbx_ordinal 
ASP N    N  N N 1  
ASP CA   C  N S 2  
ASP C    C  N N 3  
ASP O    O  N N 4  
ASP CB   C  N N 5  
ASP CG   C  N N 6  
ASP OD1  O  N N 7  
ASP OD2  O  N N 8  
ASP OXT  O  N N 9  
ASP H    H  N N 10 
ASP H2   H  N N 11 
ASP HA   H  N N 12 
ASP HB2  H  N N 13 
ASP HB3  H  N N 14 
ASP HD2  H  N N 15 
ASP HXT  H  N N 16 
HOH O    O  N N 17 
HOH H1   H  N N 18 
HOH H2   H  N N 19 
ILE N    N  N N 20 
ILE CA   C  N S 21 
ILE C    C  N N 22 
ILE O    O  N N 23 
ILE CB   C  N S 24 
ILE CG1  C  N N 25 
ILE CG2  C  N N 26 
ILE CD1  C  N N 27 
ILE OXT  O  N N 28 
ILE H    H  N N 29 
ILE H2   H  N N 30 
ILE HA   H  N N 31 
ILE HB   H  N N 32 
ILE HG12 H  N N 33 
ILE HG13 H  N N 34 
ILE HG21 H  N N 35 
ILE HG22 H  N N 36 
ILE HG23 H  N N 37 
ILE HD11 H  N N 38 
ILE HD12 H  N N 39 
ILE HD13 H  N N 40 
ILE HXT  H  N N 41 
LEU N    N  N N 42 
LEU CA   C  N S 43 
LEU C    C  N N 44 
LEU O    O  N N 45 
LEU CB   C  N N 46 
LEU CG   C  N N 47 
LEU CD1  C  N N 48 
LEU CD2  C  N N 49 
LEU OXT  O  N N 50 
LEU H    H  N N 51 
LEU H2   H  N N 52 
LEU HA   H  N N 53 
LEU HB2  H  N N 54 
LEU HB3  H  N N 55 
LEU HG   H  N N 56 
LEU HD11 H  N N 57 
LEU HD12 H  N N 58 
LEU HD13 H  N N 59 
LEU HD21 H  N N 60 
LEU HD22 H  N N 61 
LEU HD23 H  N N 62 
LEU HXT  H  N N 63 
SER N    N  N N 64 
SER CA   C  N S 65 
SER C    C  N N 66 
SER O    O  N N 67 
SER CB   C  N N 68 
SER OG   O  N N 69 
SER OXT  O  N N 70 
SER H    H  N N 71 
SER H2   H  N N 72 
SER HA   H  N N 73 
SER HB2  H  N N 74 
SER HB3  H  N N 75 
SER HG   H  N N 76 
SER HXT  H  N N 77 
VAL N    N  N N 78 
VAL CA   C  N S 79 
VAL C    C  N N 80 
VAL O    O  N N 81 
VAL CB   C  N N 82 
VAL CG1  C  N N 83 
VAL CG2  C  N N 84 
VAL OXT  O  N N 85 
VAL H    H  N N 86 
VAL H2   H  N N 87 
VAL HA   H  N N 88 
VAL HB   H  N N 89 
VAL HG11 H  N N 90 
VAL HG12 H  N N 91 
VAL HG13 H  N N 92 
VAL HG21 H  N N 93 
VAL HG22 H  N N 94 
VAL HG23 H  N N 95 
VAL HXT  H  N N 96 
ZN  ZN   ZN N N 97 
# 
loop_
_chem_comp_bond.comp_id 
_chem_comp_bond.atom_id_1 
_chem_comp_bond.atom_id_2 
_chem_comp_bond.value_order 
_chem_comp_bond.pdbx_aromatic_flag 
_chem_comp_bond.pdbx_stereo_config 
_chem_comp_bond.pdbx_ordinal 
ASP N   CA   sing N N 1  
ASP N   H    sing N N 2  
ASP N   H2   sing N N 3  
ASP CA  C    sing N N 4  
ASP CA  CB   sing N N 5  
ASP CA  HA   sing N N 6  
ASP C   O    doub N N 7  
ASP C   OXT  sing N N 8  
ASP CB  CG   sing N N 9  
ASP CB  HB2  sing N N 10 
ASP CB  HB3  sing N N 11 
ASP CG  OD1  doub N N 12 
ASP CG  OD2  sing N N 13 
ASP OD2 HD2  sing N N 14 
ASP OXT HXT  sing N N 15 
HOH O   H1   sing N N 16 
HOH O   H2   sing N N 17 
ILE N   CA   sing N N 18 
ILE N   H    sing N N 19 
ILE N   H2   sing N N 20 
ILE CA  C    sing N N 21 
ILE CA  CB   sing N N 22 
ILE CA  HA   sing N N 23 
ILE C   O    doub N N 24 
ILE C   OXT  sing N N 25 
ILE CB  CG1  sing N N 26 
ILE CB  CG2  sing N N 27 
ILE CB  HB   sing N N 28 
ILE CG1 CD1  sing N N 29 
ILE CG1 HG12 sing N N 30 
ILE CG1 HG13 sing N N 31 
ILE CG2 HG21 sing N N 32 
ILE CG2 HG22 sing N N 33 
ILE CG2 HG23 sing N N 34 
ILE CD1 HD11 sing N N 35 
ILE CD1 HD12 sing N N 36 
ILE CD1 HD13 sing N N 37 
ILE OXT HXT  sing N N 38 
LEU N   CA   sing N N 39 
LEU N   H    sing N N 40 
LEU N   H2   sing N N 41 
LEU CA  C    sing N N 42 
LEU CA  CB   sing N N 43 
LEU CA  HA   sing N N 44 
LEU C   O    doub N N 45 
LEU C   OXT  sing N N 46 
LEU CB  CG   sing N N 47 
LEU CB  HB2  sing N N 48 
LEU CB  HB3  sing N N 49 
LEU CG  CD1  sing N N 50 
LEU CG  CD2  sing N N 51 
LEU CG  HG   sing N N 52 
LEU CD1 HD11 sing N N 53 
LEU CD1 HD12 sing N N 54 
LEU CD1 HD13 sing N N 55 
LEU CD2 HD21 sing N N 56 
LEU CD2 HD22 sing N N 57 
LEU CD2 HD23 sing N N 58 
LEU OXT HXT  sing N N 59 
SER N   CA   sing N N 60 
SER N   H    sing N N 61 
SER N   H2   sing N N 62 
SER CA  C    sing N N 63 
SER CA  CB   sing N N 64 
SER CA  HA   sing N N 65 
SER C   O    doub N N 66 
SER C   OXT  sing N N 67 
SER CB  OG   sing N N 68 
SER CB  HB2  sing N N 69 
SER CB  HB3  sing N N 70 
SER OG  HG   sing N N 71 
SER OXT HXT  sing N N 72 
VAL N   CA   sing N N 73 
VAL N   H    sing N N 74 
VAL N   H2   sing N N 75 
VAL CA  C    sing N N 76 
VAL CA  CB   sing N N 77 
VAL CA  HA   sing N N 78 
VAL C   O    doub N N 79 
VAL C   OXT  sing N N 80 
VAL CB  CG1  sing N N 81 
VAL CB  CG2  sing N N 82 
VAL CB  HB   sing N N 83 
VAL CG1 HG11 sing N N 84 
VAL CG1 HG12 sing N N 85 
VAL CG1 HG13 sing N N 86 
VAL CG2 HG21 sing N N 87 
VAL CG2 HG22 sing N N 88 
VAL CG2 HG23 sing N N 89 
VAL OXT HXT  sing N N 90 
# 
_atom_sites.entry_id                    4NIN 
_atom_sites.fract_transf_matrix[1][1]   0.06860680 
_atom_sites.fract_transf_matrix[1][2]   -0.19403213 
_atom_sites.fract_transf_matrix[1][3]   -0.04949500 
_atom_sites.fract_transf_matrix[2][1]   0.00604690 
_atom_sites.fract_transf_matrix[2][2]   0.00722539 
_atom_sites.fract_transf_matrix[2][3]   -0.01994342 
_atom_sites.fract_transf_matrix[3][1]   0.08544991 
_atom_sites.fract_transf_matrix[3][2]   0.00520346 
_atom_sites.fract_transf_matrix[3][3]   0.02779384 
_atom_sites.fract_transf_vector[1]      0.017291 
_atom_sites.fract_transf_vector[2]      -0.247631 
_atom_sites.fract_transf_vector[3]      0.294156 
# 
loop_
_atom_type.symbol 
C  
N  
O  
ZN 
# 
loop_
_atom_site.group_PDB 
_atom_site.id 
_atom_site.type_symbol 
_atom_site.label_atom_id 
_atom_site.label_alt_id 
_atom_site.label_comp_id 
_atom_site.label_asym_id 
_atom_site.label_entity_id 
_atom_site.label_seq_id 
_atom_site.pdbx_PDB_ins_code 
_atom_site.Cartn_x 
_atom_site.Cartn_y 
_atom_site.Cartn_z 
_atom_site.occupancy 
_atom_site.B_iso_or_equiv 
_atom_site.pdbx_formal_charge 
_atom_site.auth_seq_id 
_atom_site.auth_comp_id 
_atom_site.auth_asym_id 
_atom_site.auth_atom_id 
_atom_site.pdbx_PDB_model_num 
ATOM   1  N  N   . ASP A 1 1 ? 8.868  3.743  -6.044 1.00 22.52 ? 1   ASP A N   1 
ATOM   2  C  CA  . ASP A 1 1 ? 8.244  2.685  -5.252 1.00 21.40 ? 1   ASP A CA  1 
ATOM   3  C  C   . ASP A 1 1 ? 6.814  3.097  -4.895 1.00 21.39 ? 1   ASP A C   1 
ATOM   4  O  O   . ASP A 1 1 ? 6.533  4.289  -4.757 1.00 20.97 ? 1   ASP A O   1 
ATOM   5  C  CB  . ASP A 1 1 ? 9.054  2.417  -3.974 1.00 20.70 ? 1   ASP A CB  1 
ATOM   6  C  CG  . ASP A 1 1 ? 10.269 1.531  -4.217 1.00 23.34 ? 1   ASP A CG  1 
ATOM   7  O  OD1 . ASP A 1 1 ? 10.746 1.483  -5.373 1.00 23.45 ? 1   ASP A OD1 1 
ATOM   8  O  OD2 . ASP A 1 1 ? 10.740 0.869  -3.258 1.00 21.37 ? 1   ASP A OD2 1 
ATOM   9  N  N   . SER A 1 2 ? 5.917  2.119  -4.751 1.00 19.32 ? 2   SER A N   1 
ATOM   10 C  CA  . SER A 1 2 ? 4.533  2.402  -4.357 1.00 17.01 ? 2   SER A CA  1 
ATOM   11 C  C   . SER A 1 2 ? 3.967  1.302  -3.476 1.00 18.23 ? 2   SER A C   1 
ATOM   12 O  O   . SER A 1 2 ? 4.257  0.119  -3.678 1.00 16.86 ? 2   SER A O   1 
ATOM   13 C  CB  . SER A 1 2 ? 3.627  2.597  -5.576 1.00 20.81 ? 2   SER A CB  1 
ATOM   14 O  OG  . SER A 1 2 ? 3.188  1.356  -6.105 1.00 22.96 ? 2   SER A OG  1 
ATOM   15 N  N   . VAL A 1 3 ? 3.154  1.697  -2.499 1.00 15.43 ? 3   VAL A N   1 
ATOM   16 C  CA  . VAL A 1 3 ? 2.471  0.736  -1.651 1.00 15.59 ? 3   VAL A CA  1 
ATOM   17 C  C   . VAL A 1 3 ? 0.988  1.095  -1.537 1.00 16.60 ? 3   VAL A C   1 
ATOM   18 O  O   . VAL A 1 3 ? 0.650  2.266  -1.353 1.00 14.52 ? 3   VAL A O   1 
ATOM   19 C  CB  . VAL A 1 3 ? 3.071  0.722  -0.226 1.00 15.87 ? 3   VAL A CB  1 
ATOM   20 C  CG1 . VAL A 1 3 ? 2.189  -0.082 0.710  1.00 18.07 ? 3   VAL A CG1 1 
ATOM   21 C  CG2 . VAL A 1 3 ? 4.495  0.185  -0.239 1.00 15.23 ? 3   VAL A CG2 1 
ATOM   22 N  N   . ILE A 1 4 ? 0.114  0.091  -1.657 1.00 13.73 ? 4   ILE A N   1 
ATOM   23 C  CA  . ILE A 1 4 ? -1.286 0.234  -1.262 1.00 13.89 ? 4   ILE A CA  1 
ATOM   24 C  C   . ILE A 1 4 ? -1.568 -0.749 -0.141 1.00 16.10 ? 4   ILE A C   1 
ATOM   25 O  O   . ILE A 1 4 ? -1.364 -1.952 -0.300 1.00 14.23 ? 4   ILE A O   1 
ATOM   26 C  CB  . ILE A 1 4 ? -2.270 -0.044 -2.411 1.00 14.39 ? 4   ILE A CB  1 
ATOM   27 C  CG1 . ILE A 1 4 ? -2.106 0.999  -3.516 1.00 15.53 ? 4   ILE A CG1 1 
ATOM   28 C  CG2 . ILE A 1 4 ? -3.710 -0.029 -1.888 1.00 15.49 ? 4   ILE A CG2 1 
ATOM   29 C  CD1 . ILE A 1 4 ? -2.955 0.716  -4.743 1.00 17.74 ? 4   ILE A CD1 1 
ATOM   30 N  N   . SER A 1 5 ? -2.029 -0.235 0.994  1.00 15.29 ? 5   SER A N   1 
ATOM   31 C  CA  . SER A 1 5 ? -2.291 -1.080 2.146  1.00 17.76 ? 5   SER A CA  1 
ATOM   32 C  C   . SER A 1 5 ? -3.678 -0.839 2.699  1.00 17.82 ? 5   SER A C   1 
ATOM   33 O  O   . SER A 1 5 ? -3.994 0.277  3.119  1.00 16.66 ? 5   SER A O   1 
ATOM   34 C  CB  . SER A 1 5 ? -1.269 -0.818 3.259  1.00 19.08 ? 5   SER A CB  1 
ATOM   35 O  OG  . SER A 1 5 ? -1.580 -1.600 4.402  1.00 21.03 ? 5   SER A OG  1 
ATOM   36 N  N   . LEU A 1 6 ? -4.493 -1.892 2.708  1.00 16.86 ? 6   LEU A N   1 
ATOM   37 C  CA  . LEU A 1 6 ? -5.779 -1.867 3.389  1.00 19.28 ? 6   LEU A CA  1 
ATOM   38 C  C   . LEU A 1 6 ? -5.708 -2.803 4.589  1.00 19.33 ? 6   LEU A C   1 
ATOM   39 O  O   . LEU A 1 6 ? -5.385 -3.979 4.444  1.00 18.71 ? 6   LEU A O   1 
ATOM   40 C  CB  . LEU A 1 6 ? -6.909 -2.291 2.450  1.00 16.52 ? 6   LEU A CB  1 
ATOM   41 C  CG  . LEU A 1 6 ? -7.385 -1.301 1.386  1.00 23.35 ? 6   LEU A CG  1 
ATOM   42 C  CD1 . LEU A 1 6 ? -6.296 -1.015 0.363  1.00 20.86 ? 6   LEU A CD1 1 
ATOM   43 C  CD2 . LEU A 1 6 ? -8.647 -1.833 0.695  1.00 24.01 ? 6   LEU A CD2 1 
ATOM   44 N  N   . SER A 1 7 ? -5.993 -2.282 5.777  1.00 19.41 ? 7   SER A N   1 
ATOM   45 C  CA  . SER A 1 7 ? -5.891 -3.109 6.986  1.00 22.53 ? 7   SER A CA  1 
ATOM   46 C  C   . SER A 1 7 ? -7.062 -2.933 7.963  1.00 23.93 ? 7   SER A C   1 
ATOM   47 O  O   . SER A 1 7 ? -7.265 -3.753 8.875  1.00 22.44 ? 7   SER A O   1 
ATOM   48 C  CB  . SER A 1 7 ? -4.547 -2.874 7.700  1.00 23.32 ? 7   SER A CB  1 
ATOM   49 O  OG  . SER A 1 7 ? -4.365 -1.502 8.022  1.00 28.39 ? 7   SER A OG  1 
ATOM   50 O  OXT . SER A 1 7 ? -7.840 -1.978 7.863  1.00 24.28 ? 7   SER A OXT 1 
HETATM 51 ZN ZN  . ZN  B 2 . ? 11.059 3.306  -6.255 0.55 15.51 2 101 ZN  A ZN  1 
HETATM 52 O  O   . HOH C 3 . ? 12.962 2.494  -6.897 1.00 22.73 ? 201 HOH A O   1 
HETATM 53 O  O   . HOH C 3 . ? 10.218 2.290  -7.843 1.00 22.47 ? 202 HOH A O   1 
HETATM 54 O  O   . HOH C 3 . ? 11.953 4.513  -4.620 1.00 23.77 ? 203 HOH A O   1 
HETATM 55 O  O   . HOH C 3 . ? -2.179 -4.371 4.723  1.00 22.18 ? 204 HOH A O   1 
# 
